data_7R9L
#
_entry.id   7R9L
#
_cell.length_a   90.890
_cell.length_b   96.790
_cell.length_c   76.330
_cell.angle_alpha   90.000
_cell.angle_beta   90.000
_cell.angle_gamma   90.000
#
_symmetry.space_group_name_H-M   'C 2 2 21'
#
loop_
_entity.id
_entity.type
_entity.pdbx_description
1 polymer 'Hematopoietic progenitor kinase'
2 non-polymer 2-amino-N,N-dimethyl-5-(1H-pyrrolo[2,3-b]pyridin-5-yl)benzamide
3 water water
#
_entity_poly.entity_id   1
_entity_poly.type   'polypeptide(L)'
_entity_poly.pdbx_seq_one_letter_code
;GSDVVDPDIFNRDPRDHYDLLQRLGGGTYGEVFKARDKVSGDLVALKMVKMEPDDDVSTLQKEILILKTCRHANIVAYHG
SYLWLQKLWICMEFCGAGSLQDIYQVTGSLSELQISYVCREVLQGLAYLHSQKKIHRDIKGANILINDAGEVRLADFGIS
AQIGATLARRLAFIGTPYWMAPEVAAVALKGGYNELCDIWSLGITAIELAELQPPLFDVHPLRVLFLMTKSGYQPPRLKE
KGKWSAAFHNFIKVTLTKSPKKRPSATKMLSHQLVSQPGLNRGLILDLLDKLKNGNS
;
_entity_poly.pdbx_strand_id   A
#
# COMPACT_ATOMS: atom_id res chain seq x y z
N ASP A 8 -13.81 -18.24 2.90
CA ASP A 8 -13.72 -19.18 1.79
C ASP A 8 -12.29 -19.33 1.28
N ILE A 9 -11.53 -20.25 1.86
CA ILE A 9 -10.19 -20.59 1.40
C ILE A 9 -10.24 -21.95 0.73
N PHE A 10 -10.49 -21.95 -0.59
CA PHE A 10 -10.63 -23.20 -1.33
C PHE A 10 -9.39 -24.08 -1.17
N ASN A 11 -9.51 -25.16 -0.41
CA ASN A 11 -8.41 -26.11 -0.23
C ASN A 11 -8.27 -26.91 -1.51
N ARG A 12 -7.63 -26.28 -2.50
CA ARG A 12 -7.52 -26.87 -3.83
C ARG A 12 -6.27 -26.31 -4.48
N ASP A 13 -5.65 -27.12 -5.34
CA ASP A 13 -4.53 -26.65 -6.15
C ASP A 13 -5.00 -25.50 -7.03
N PRO A 14 -4.47 -24.29 -6.85
CA PRO A 14 -4.97 -23.15 -7.65
C PRO A 14 -4.77 -23.33 -9.14
N ARG A 15 -3.91 -24.27 -9.57
CA ARG A 15 -3.75 -24.58 -10.98
C ARG A 15 -4.96 -25.27 -11.57
N ASP A 16 -5.89 -25.77 -10.74
CA ASP A 16 -7.13 -26.31 -11.26
C ASP A 16 -8.01 -25.22 -11.85
N HIS A 17 -7.90 -24.00 -11.35
CA HIS A 17 -8.68 -22.86 -11.82
C HIS A 17 -7.91 -21.94 -12.76
N TYR A 18 -6.64 -21.68 -12.47
CA TYR A 18 -5.85 -20.70 -13.20
C TYR A 18 -4.63 -21.36 -13.82
N ASP A 19 -4.00 -20.63 -14.76
CA ASP A 19 -2.75 -21.02 -15.38
C ASP A 19 -1.68 -20.00 -15.01
N LEU A 20 -0.62 -20.44 -14.36
CA LEU A 20 0.45 -19.52 -13.98
C LEU A 20 1.24 -19.11 -15.21
N LEU A 21 1.47 -17.80 -15.36
CA LEU A 21 2.14 -17.24 -16.53
C LEU A 21 3.55 -16.74 -16.22
N GLN A 22 3.71 -15.85 -15.25
CA GLN A 22 5.01 -15.27 -14.97
C GLN A 22 5.05 -14.74 -13.54
N ARG A 23 6.26 -14.47 -13.07
CA ARG A 23 6.47 -13.84 -11.78
C ARG A 23 6.05 -12.38 -11.83
N LEU A 24 5.76 -11.82 -10.65
CA LEU A 24 5.37 -10.43 -10.54
C LEU A 24 6.19 -9.77 -9.44
N GLY A 25 6.53 -8.50 -9.65
CA GLY A 25 7.21 -7.71 -8.65
C GLY A 25 8.70 -7.96 -8.53
N GLY A 26 9.21 -9.05 -9.11
CA GLY A 26 10.62 -9.33 -8.98
C GLY A 26 11.05 -9.65 -7.56
N GLY A 27 10.15 -10.23 -6.76
CA GLY A 27 10.46 -10.63 -5.41
C GLY A 27 10.24 -9.58 -4.35
N THR A 28 9.77 -8.38 -4.73
CA THR A 28 9.54 -7.33 -3.74
C THR A 28 8.28 -7.54 -2.93
N TYR A 29 7.44 -8.53 -3.28
CA TYR A 29 6.27 -8.87 -2.49
C TYR A 29 6.20 -10.37 -2.28
N GLY A 30 7.34 -11.04 -2.24
CA GLY A 30 7.29 -12.48 -2.21
C GLY A 30 6.99 -13.01 -3.60
N GLU A 31 6.55 -14.26 -3.64
CA GLU A 31 6.26 -14.94 -4.91
C GLU A 31 4.82 -14.63 -5.29
N VAL A 32 4.65 -13.64 -6.15
CA VAL A 32 3.36 -13.30 -6.74
C VAL A 32 3.41 -13.71 -8.20
N PHE A 33 2.26 -14.13 -8.74
CA PHE A 33 2.22 -14.67 -10.09
C PHE A 33 1.12 -13.99 -10.90
N LYS A 34 1.44 -13.71 -12.16
CA LYS A 34 0.43 -13.37 -13.14
C LYS A 34 -0.20 -14.67 -13.64
N ALA A 35 -1.51 -14.82 -13.45
CA ALA A 35 -2.20 -16.06 -13.77
C ALA A 35 -3.44 -15.78 -14.59
N ARG A 36 -3.75 -16.68 -15.52
CA ARG A 36 -4.91 -16.57 -16.37
C ARG A 36 -5.99 -17.55 -15.93
N ASP A 37 -7.21 -17.05 -15.79
CA ASP A 37 -8.34 -17.90 -15.43
C ASP A 37 -8.68 -18.83 -16.58
N LYS A 38 -8.64 -20.14 -16.33
CA LYS A 38 -9.01 -21.11 -17.37
C LYS A 38 -10.39 -20.80 -17.92
N VAL A 39 -11.37 -20.63 -17.04
CA VAL A 39 -12.77 -20.45 -17.42
C VAL A 39 -12.95 -19.10 -18.11
N SER A 40 -13.04 -18.03 -17.31
CA SER A 40 -13.39 -16.71 -17.84
C SER A 40 -12.33 -16.14 -18.77
N GLY A 41 -11.10 -16.64 -18.72
CA GLY A 41 -10.02 -16.06 -19.48
C GLY A 41 -9.41 -14.82 -18.87
N ASP A 42 -9.94 -14.33 -17.75
CA ASP A 42 -9.43 -13.13 -17.11
C ASP A 42 -8.02 -13.37 -16.57
N LEU A 43 -7.30 -12.27 -16.36
CA LEU A 43 -6.00 -12.29 -15.71
C LEU A 43 -6.16 -11.90 -14.25
N VAL A 44 -5.37 -12.53 -13.38
CA VAL A 44 -5.38 -12.25 -11.95
C VAL A 44 -3.96 -12.28 -11.43
N ALA A 45 -3.82 -11.94 -10.16
CA ALA A 45 -2.55 -12.06 -9.44
C ALA A 45 -2.71 -13.08 -8.32
N LEU A 46 -1.70 -13.92 -8.15
CA LEU A 46 -1.69 -14.96 -7.13
C LEU A 46 -0.44 -14.78 -6.26
N LYS A 47 -0.63 -14.26 -5.06
CA LYS A 47 0.45 -14.18 -4.08
C LYS A 47 0.50 -15.48 -3.29
N MET A 48 1.63 -16.17 -3.37
CA MET A 48 1.83 -17.43 -2.66
C MET A 48 2.81 -17.22 -1.52
N VAL A 49 2.42 -17.64 -0.33
CA VAL A 49 3.26 -17.52 0.86
C VAL A 49 3.49 -18.91 1.43
N LYS A 50 4.74 -19.20 1.77
CA LYS A 50 5.11 -20.52 2.27
C LYS A 50 4.72 -20.68 3.74
N MET A 51 4.48 -21.93 4.12
CA MET A 51 4.18 -22.29 5.50
C MET A 51 5.37 -23.00 6.14
N GLU A 52 5.45 -22.92 7.46
CA GLU A 52 6.63 -23.34 8.20
C GLU A 52 6.74 -24.85 8.43
N PRO A 53 5.66 -25.58 8.78
CA PRO A 53 4.24 -25.29 9.00
C PRO A 53 3.83 -25.09 10.45
N ASP A 54 4.54 -24.22 11.17
CA ASP A 54 4.09 -23.79 12.49
C ASP A 54 3.00 -22.73 12.41
N ASP A 55 2.64 -22.30 11.20
CA ASP A 55 1.58 -21.33 11.00
C ASP A 55 0.21 -21.99 11.13
N ASP A 56 -0.78 -21.17 11.47
CA ASP A 56 -2.16 -21.61 11.59
C ASP A 56 -2.99 -20.87 10.54
N VAL A 57 -3.72 -21.64 9.73
CA VAL A 57 -4.47 -21.03 8.62
C VAL A 57 -5.64 -20.21 9.14
N SER A 58 -6.15 -20.54 10.33
CA SER A 58 -7.34 -19.88 10.85
C SER A 58 -7.03 -18.53 11.50
N THR A 59 -5.78 -18.28 11.89
CA THR A 59 -5.44 -16.96 12.42
C THR A 59 -5.54 -15.88 11.36
N LEU A 60 -5.55 -16.26 10.08
CA LEU A 60 -5.72 -15.32 8.98
C LEU A 60 -7.19 -15.03 8.69
N GLN A 61 -8.10 -15.88 9.18
CA GLN A 61 -9.52 -15.73 8.88
C GLN A 61 -10.02 -14.32 9.17
N LYS A 62 -9.66 -13.79 10.34
CA LYS A 62 -10.09 -12.44 10.69
C LYS A 62 -9.47 -11.40 9.76
N GLU A 63 -8.31 -11.70 9.19
CA GLU A 63 -7.66 -10.80 8.24
C GLU A 63 -8.15 -11.02 6.80
N ILE A 64 -8.47 -12.26 6.44
CA ILE A 64 -8.94 -12.53 5.08
C ILE A 64 -10.36 -11.99 4.88
N LEU A 65 -11.20 -12.04 5.92
CA LEU A 65 -12.51 -11.40 5.85
C LEU A 65 -12.39 -9.90 5.66
N ILE A 66 -11.28 -9.31 6.15
CA ILE A 66 -11.04 -7.89 5.94
C ILE A 66 -10.79 -7.60 4.47
N LEU A 67 -9.94 -8.40 3.82
CA LEU A 67 -9.62 -8.17 2.42
C LEU A 67 -10.77 -8.53 1.49
N LYS A 68 -11.73 -9.32 1.95
CA LYS A 68 -12.85 -9.70 1.10
C LYS A 68 -13.99 -8.66 1.14
N THR A 69 -14.32 -8.17 2.32
CA THR A 69 -15.38 -7.18 2.48
C THR A 69 -14.93 -5.76 2.12
N CYS A 70 -14.15 -5.60 1.05
CA CYS A 70 -13.65 -4.31 0.60
C CYS A 70 -14.23 -4.04 -0.79
N ARG A 71 -15.38 -3.37 -0.82
CA ARG A 71 -16.06 -3.06 -2.08
C ARG A 71 -15.72 -1.66 -2.56
N HIS A 72 -14.43 -1.38 -2.72
CA HIS A 72 -13.98 -0.08 -3.21
C HIS A 72 -13.06 -0.24 -4.40
N ALA A 73 -13.19 0.67 -5.37
CA ALA A 73 -12.45 0.55 -6.62
C ALA A 73 -10.99 0.93 -6.46
N ASN A 74 -10.63 1.66 -5.40
CA ASN A 74 -9.24 2.03 -5.17
C ASN A 74 -8.47 1.00 -4.35
N ILE A 75 -9.15 0.04 -3.77
CA ILE A 75 -8.50 -1.10 -3.14
C ILE A 75 -8.40 -2.21 -4.17
N VAL A 76 -7.27 -2.92 -4.19
CA VAL A 76 -7.11 -4.02 -5.13
C VAL A 76 -8.13 -5.09 -4.79
N ALA A 77 -8.85 -5.55 -5.80
CA ALA A 77 -9.95 -6.47 -5.58
C ALA A 77 -9.42 -7.82 -5.10
N TYR A 78 -10.26 -8.51 -4.34
CA TYR A 78 -9.94 -9.83 -3.82
C TYR A 78 -10.91 -10.84 -4.44
N HIS A 79 -10.38 -12.00 -4.83
CA HIS A 79 -11.17 -12.99 -5.56
C HIS A 79 -11.18 -14.35 -4.89
N GLY A 80 -10.62 -14.47 -3.68
CA GLY A 80 -10.57 -15.75 -3.01
C GLY A 80 -9.16 -16.17 -2.67
N SER A 81 -9.03 -17.13 -1.76
CA SER A 81 -7.73 -17.65 -1.36
C SER A 81 -7.63 -19.13 -1.70
N TYR A 82 -6.40 -19.65 -1.59
CA TYR A 82 -6.14 -21.05 -1.86
C TYR A 82 -5.02 -21.54 -0.95
N LEU A 83 -5.26 -22.64 -0.25
CA LEU A 83 -4.25 -23.29 0.57
C LEU A 83 -4.04 -24.70 0.01
N TRP A 84 -2.79 -25.05 -0.26
CA TRP A 84 -2.50 -26.31 -0.93
C TRP A 84 -1.02 -26.64 -0.83
N LEU A 85 -0.70 -27.70 -0.09
CA LEU A 85 0.68 -28.15 0.10
C LEU A 85 1.54 -27.02 0.68
N GLN A 86 1.15 -26.59 1.88
CA GLN A 86 1.87 -25.58 2.64
C GLN A 86 2.10 -24.30 1.82
N LYS A 87 1.21 -24.04 0.87
CA LYS A 87 1.32 -22.87 0.01
C LYS A 87 -0.01 -22.14 0.02
N LEU A 88 0.01 -20.88 0.43
CA LEU A 88 -1.20 -20.08 0.59
C LEU A 88 -1.25 -19.08 -0.57
N TRP A 89 -2.24 -19.24 -1.45
CA TRP A 89 -2.36 -18.44 -2.66
C TRP A 89 -3.49 -17.43 -2.48
N ILE A 90 -3.13 -16.14 -2.49
CA ILE A 90 -4.09 -15.04 -2.42
C ILE A 90 -4.36 -14.57 -3.85
N CYS A 91 -5.63 -14.59 -4.25
CA CYS A 91 -6.03 -14.20 -5.60
C CYS A 91 -6.59 -12.79 -5.59
N MET A 92 -5.95 -11.89 -6.34
CA MET A 92 -6.30 -10.48 -6.33
C MET A 92 -6.42 -9.95 -7.75
N GLU A 93 -7.06 -8.78 -7.87
CA GLU A 93 -7.12 -8.08 -9.14
C GLU A 93 -5.72 -7.78 -9.65
N PHE A 94 -5.50 -8.02 -10.93
CA PHE A 94 -4.19 -7.79 -11.52
C PHE A 94 -4.06 -6.33 -11.96
N CYS A 95 -2.83 -5.82 -11.85
CA CYS A 95 -2.52 -4.45 -12.25
C CYS A 95 -1.27 -4.51 -13.12
N GLY A 96 -1.46 -4.42 -14.43
CA GLY A 96 -0.40 -4.70 -15.39
C GLY A 96 0.76 -3.73 -15.39
N ALA A 97 0.61 -2.56 -14.77
CA ALA A 97 1.69 -1.58 -14.73
C ALA A 97 2.55 -1.70 -13.49
N GLY A 98 2.32 -2.71 -12.65
CA GLY A 98 3.09 -2.85 -11.44
C GLY A 98 2.80 -1.74 -10.44
N SER A 99 3.75 -1.54 -9.53
CA SER A 99 3.64 -0.50 -8.53
C SER A 99 4.12 0.83 -9.08
N LEU A 100 3.90 1.88 -8.29
CA LEU A 100 4.48 3.18 -8.66
C LEU A 100 5.99 3.17 -8.54
N GLN A 101 6.51 2.42 -7.56
CA GLN A 101 7.96 2.31 -7.43
C GLN A 101 8.59 1.68 -8.67
N ASP A 102 7.95 0.65 -9.22
CA ASP A 102 8.43 0.09 -10.48
C ASP A 102 8.36 1.12 -11.59
N ILE A 103 7.34 1.97 -11.57
CA ILE A 103 7.14 2.95 -12.63
C ILE A 103 8.18 4.05 -12.54
N TYR A 104 8.24 4.75 -11.40
CA TYR A 104 9.11 5.92 -11.35
C TYR A 104 10.59 5.53 -11.36
N GLN A 105 10.92 4.28 -11.09
CA GLN A 105 12.30 3.85 -11.26
C GLN A 105 12.70 3.73 -12.71
N VAL A 106 11.75 3.93 -13.63
CA VAL A 106 12.03 4.03 -15.06
C VAL A 106 11.71 5.42 -15.58
N THR A 107 10.51 5.93 -15.26
CA THR A 107 10.04 7.21 -15.76
C THR A 107 10.62 8.40 -15.01
N GLY A 108 11.36 8.17 -13.92
CA GLY A 108 11.79 9.27 -13.09
C GLY A 108 10.63 9.80 -12.25
N SER A 109 10.85 10.98 -11.68
CA SER A 109 9.89 11.54 -10.73
C SER A 109 8.53 11.79 -11.40
N LEU A 110 7.49 11.76 -10.57
CA LEU A 110 6.14 12.06 -11.01
C LEU A 110 5.88 13.56 -10.95
N SER A 111 4.87 14.00 -11.71
CA SER A 111 4.45 15.39 -11.69
C SER A 111 3.50 15.63 -10.52
N GLU A 112 3.34 16.91 -10.16
CA GLU A 112 2.45 17.23 -9.07
C GLU A 112 1.01 16.82 -9.37
N LEU A 113 0.57 17.05 -10.61
CA LEU A 113 -0.77 16.62 -11.00
C LEU A 113 -0.90 15.11 -10.89
N GLN A 114 0.10 14.37 -11.37
CA GLN A 114 0.08 12.91 -11.23
C GLN A 114 0.06 12.50 -9.78
N ILE A 115 0.89 13.14 -8.95
CA ILE A 115 0.90 12.86 -7.53
C ILE A 115 -0.46 13.19 -6.91
N SER A 116 -1.05 14.31 -7.32
CA SER A 116 -2.34 14.72 -6.78
C SER A 116 -3.42 13.71 -7.10
N TYR A 117 -3.44 13.20 -8.33
CA TYR A 117 -4.42 12.19 -8.70
C TYR A 117 -4.19 10.91 -7.91
N VAL A 118 -2.94 10.45 -7.84
CA VAL A 118 -2.62 9.26 -7.07
C VAL A 118 -2.99 9.48 -5.60
N CYS A 119 -2.74 10.67 -5.07
CA CYS A 119 -3.10 10.96 -3.69
C CYS A 119 -4.62 10.95 -3.50
N ARG A 120 -5.36 11.55 -4.43
CA ARG A 120 -6.82 11.54 -4.33
C ARG A 120 -7.35 10.11 -4.31
N GLU A 121 -6.87 9.29 -5.24
CA GLU A 121 -7.34 7.92 -5.33
C GLU A 121 -6.97 7.12 -4.09
N VAL A 122 -5.75 7.35 -3.57
CA VAL A 122 -5.33 6.65 -2.36
C VAL A 122 -6.16 7.11 -1.17
N LEU A 123 -6.46 8.42 -1.10
CA LEU A 123 -7.32 8.92 -0.03
C LEU A 123 -8.71 8.30 -0.10
N GLN A 124 -9.28 8.22 -1.30
CA GLN A 124 -10.59 7.58 -1.45
C GLN A 124 -10.56 6.15 -0.94
N GLY A 125 -9.49 5.41 -1.22
CA GLY A 125 -9.35 4.07 -0.67
C GLY A 125 -9.13 4.10 0.83
N LEU A 126 -8.29 5.02 1.31
CA LEU A 126 -8.06 5.13 2.75
C LEU A 126 -9.34 5.52 3.48
N ALA A 127 -10.02 6.56 3.00
CA ALA A 127 -11.26 7.00 3.63
C ALA A 127 -12.30 5.91 3.64
N TYR A 128 -12.34 5.08 2.59
CA TYR A 128 -13.17 3.88 2.63
C TYR A 128 -12.64 2.90 3.66
N LEU A 129 -11.32 2.66 3.64
CA LEU A 129 -10.72 1.71 4.57
C LEU A 129 -10.94 2.12 6.02
N HIS A 130 -10.77 3.42 6.32
CA HIS A 130 -10.93 3.89 7.68
C HIS A 130 -12.41 3.91 8.09
N SER A 131 -13.32 4.16 7.15
CA SER A 131 -14.75 4.04 7.47
C SER A 131 -15.09 2.61 7.86
N GLN A 132 -14.40 1.63 7.27
CA GLN A 132 -14.48 0.25 7.72
C GLN A 132 -13.65 -0.01 8.97
N LYS A 133 -13.11 1.06 9.58
CA LYS A 133 -12.29 0.98 10.79
C LYS A 133 -11.10 0.03 10.61
N LYS A 134 -10.47 0.11 9.43
CA LYS A 134 -9.26 -0.64 9.11
C LYS A 134 -8.11 0.33 8.92
N ILE A 135 -6.89 -0.21 8.98
CA ILE A 135 -5.68 0.57 8.82
C ILE A 135 -4.77 -0.15 7.83
N HIS A 136 -4.28 0.58 6.83
CA HIS A 136 -3.42 -0.03 5.83
C HIS A 136 -2.05 -0.35 6.38
N ARG A 137 -1.51 0.53 7.23
CA ARG A 137 -0.28 0.31 7.99
C ARG A 137 0.98 0.45 7.16
N ASP A 138 0.89 0.39 5.84
CA ASP A 138 2.09 0.42 5.01
C ASP A 138 1.80 1.09 3.67
N ILE A 139 1.42 2.36 3.71
CA ILE A 139 1.21 3.14 2.49
C ILE A 139 2.56 3.64 1.99
N LYS A 140 2.90 3.30 0.75
CA LYS A 140 4.15 3.75 0.13
C LYS A 140 4.07 3.42 -1.35
N GLY A 141 5.04 3.94 -2.10
CA GLY A 141 5.00 3.79 -3.55
C GLY A 141 4.87 2.34 -3.99
N ALA A 142 5.56 1.43 -3.30
CA ALA A 142 5.58 0.04 -3.72
C ALA A 142 4.24 -0.65 -3.51
N ASN A 143 3.35 -0.08 -2.71
CA ASN A 143 2.06 -0.67 -2.42
C ASN A 143 0.92 0.08 -3.10
N ILE A 144 1.23 0.87 -4.12
CA ILE A 144 0.22 1.53 -4.94
C ILE A 144 0.38 0.98 -6.35
N LEU A 145 -0.58 0.17 -6.78
CA LEU A 145 -0.51 -0.54 -8.05
C LEU A 145 -1.27 0.23 -9.12
N ILE A 146 -0.76 0.16 -10.34
CA ILE A 146 -1.37 0.81 -11.49
C ILE A 146 -1.77 -0.28 -12.48
N ASN A 147 -2.98 -0.17 -13.03
CA ASN A 147 -3.41 -1.05 -14.08
C ASN A 147 -3.16 -0.40 -15.44
N ASP A 148 -3.41 -1.15 -16.50
CA ASP A 148 -3.20 -0.63 -17.85
C ASP A 148 -4.17 0.49 -18.21
N ALA A 149 -5.18 0.75 -17.38
CA ALA A 149 -6.06 1.89 -17.54
C ALA A 149 -5.58 3.12 -16.77
N GLY A 150 -4.41 3.04 -16.14
CA GLY A 150 -3.91 4.16 -15.37
C GLY A 150 -4.65 4.40 -14.07
N GLU A 151 -5.38 3.40 -13.59
CA GLU A 151 -6.16 3.55 -12.37
C GLU A 151 -5.35 3.06 -11.16
N VAL A 152 -5.62 3.67 -10.01
CA VAL A 152 -4.82 3.51 -8.81
C VAL A 152 -5.47 2.45 -7.93
N ARG A 153 -4.65 1.54 -7.41
CA ARG A 153 -5.13 0.44 -6.57
C ARG A 153 -4.21 0.29 -5.37
N LEU A 154 -4.75 0.47 -4.16
CA LEU A 154 -4.00 0.15 -2.96
C LEU A 154 -3.76 -1.35 -2.86
N ALA A 155 -2.56 -1.73 -2.45
CA ALA A 155 -2.20 -3.13 -2.38
C ALA A 155 -2.77 -3.77 -1.11
N ASP A 156 -2.51 -5.07 -0.96
CA ASP A 156 -3.06 -5.81 0.17
C ASP A 156 -2.49 -5.32 1.49
N PHE A 157 -3.33 -5.35 2.53
CA PHE A 157 -2.97 -4.85 3.84
C PHE A 157 -3.48 -5.82 4.90
N GLY A 158 -2.77 -5.88 6.02
CA GLY A 158 -3.14 -6.75 7.12
C GLY A 158 -2.77 -8.21 6.92
N ILE A 159 -2.64 -8.63 5.66
CA ILE A 159 -2.26 -9.99 5.35
C ILE A 159 -0.75 -10.12 5.25
N SER A 160 -0.09 -9.14 4.62
CA SER A 160 1.37 -9.12 4.53
C SER A 160 2.03 -8.88 5.88
N ALA A 161 1.27 -8.55 6.92
CA ALA A 161 1.83 -8.30 8.24
C ALA A 161 2.02 -9.62 9.00
N GLN A 162 0.94 -10.13 9.60
CA GLN A 162 1.00 -11.38 10.32
C GLN A 162 1.15 -12.55 9.35
N ILE A 163 2.03 -13.49 9.71
CA ILE A 163 2.46 -14.60 8.86
C ILE A 163 2.65 -14.17 7.40
N ALA A 168 6.95 -12.62 7.09
CA ALA A 168 7.43 -12.14 8.39
C ALA A 168 7.17 -13.18 9.48
N ARG A 169 6.03 -13.05 10.16
CA ARG A 169 5.61 -13.97 11.22
C ARG A 169 6.66 -14.04 12.32
N ARG A 170 7.15 -12.88 12.74
CA ARG A 170 8.18 -12.81 13.79
C ARG A 170 8.08 -11.45 14.47
N LEU A 171 7.73 -11.44 15.76
CA LEU A 171 7.58 -10.21 16.51
C LEU A 171 8.88 -9.43 16.59
N ILE A 174 10.76 -7.51 20.25
CA ILE A 174 9.83 -7.11 21.29
C ILE A 174 9.94 -8.07 22.48
N GLY A 175 9.89 -9.37 22.19
CA GLY A 175 9.93 -10.38 23.23
C GLY A 175 9.56 -11.76 22.71
N THR A 176 8.83 -12.52 23.51
CA THR A 176 8.38 -13.85 23.12
C THR A 176 6.91 -13.97 23.51
N PRO A 177 6.01 -14.27 22.55
CA PRO A 177 4.57 -14.09 22.78
C PRO A 177 4.02 -14.71 24.05
N TYR A 178 4.51 -15.89 24.44
CA TYR A 178 3.92 -16.56 25.59
C TYR A 178 4.27 -15.87 26.90
N TRP A 179 5.43 -15.21 26.96
CA TRP A 179 5.86 -14.51 28.16
C TRP A 179 5.50 -13.03 28.13
N MET A 180 4.84 -12.55 27.08
CA MET A 180 4.52 -11.14 26.95
C MET A 180 3.41 -10.76 27.91
N ALA A 181 3.36 -9.48 28.23
CA ALA A 181 2.32 -8.89 29.06
C ALA A 181 1.16 -8.45 28.17
N PRO A 182 -0.05 -8.33 28.74
CA PRO A 182 -1.18 -7.85 27.93
C PRO A 182 -0.92 -6.52 27.26
N GLU A 183 -0.28 -5.58 27.95
CA GLU A 183 0.09 -4.33 27.29
C GLU A 183 1.08 -4.57 26.17
N VAL A 184 2.05 -5.47 26.39
CA VAL A 184 2.98 -5.84 25.33
C VAL A 184 2.27 -6.61 24.24
N ALA A 185 1.36 -7.50 24.62
CA ALA A 185 0.60 -8.27 23.62
C ALA A 185 -0.27 -7.35 22.77
N ALA A 186 -0.98 -6.41 23.40
CA ALA A 186 -1.85 -5.52 22.66
C ALA A 186 -1.04 -4.64 21.70
N VAL A 187 0.13 -4.17 22.14
CA VAL A 187 0.94 -3.31 21.28
C VAL A 187 1.60 -4.11 20.17
N ALA A 188 1.92 -5.38 20.42
CA ALA A 188 2.47 -6.22 19.35
C ALA A 188 1.45 -6.52 18.27
N LEU A 189 0.17 -6.23 18.51
CA LEU A 189 -0.89 -6.44 17.53
C LEU A 189 -1.37 -5.13 16.92
N LYS A 190 -1.86 -4.20 17.74
CA LYS A 190 -2.31 -2.92 17.21
C LYS A 190 -1.13 -2.08 16.74
N GLY A 191 0.02 -2.20 17.40
CA GLY A 191 1.18 -1.42 17.04
C GLY A 191 1.11 0.05 17.38
N GLY A 192 0.30 0.44 18.38
CA GLY A 192 0.11 1.85 18.65
C GLY A 192 -0.43 2.61 17.47
N TYR A 193 -1.19 1.94 16.61
CA TYR A 193 -1.65 2.51 15.36
C TYR A 193 -2.99 3.21 15.55
N ASN A 194 -3.16 4.32 14.85
CA ASN A 194 -4.47 4.90 14.61
C ASN A 194 -4.59 5.14 13.11
N GLU A 195 -5.84 5.16 12.63
CA GLU A 195 -6.07 5.33 11.20
C GLU A 195 -5.33 6.55 10.65
N LEU A 196 -5.09 7.56 11.47
CA LEU A 196 -4.46 8.80 11.02
C LEU A 196 -2.97 8.66 10.76
N CYS A 197 -2.40 7.46 10.85
CA CYS A 197 -1.00 7.28 10.47
C CYS A 197 -0.84 6.98 9.00
N ASP A 198 -1.86 6.39 8.37
CA ASP A 198 -1.85 6.27 6.91
C ASP A 198 -1.77 7.62 6.24
N ILE A 199 -2.35 8.66 6.86
CA ILE A 199 -2.25 10.01 6.32
C ILE A 199 -0.81 10.47 6.31
N TRP A 200 -0.09 10.27 7.42
CA TRP A 200 1.34 10.53 7.43
C TRP A 200 2.05 9.75 6.35
N SER A 201 1.82 8.43 6.31
CA SER A 201 2.43 7.58 5.30
C SER A 201 2.18 8.11 3.90
N LEU A 202 0.98 8.64 3.66
CA LEU A 202 0.66 9.18 2.34
C LEU A 202 1.48 10.43 2.04
N GLY A 203 1.68 11.29 3.04
CA GLY A 203 2.52 12.46 2.82
C GLY A 203 3.96 12.09 2.50
N ILE A 204 4.49 11.07 3.19
CA ILE A 204 5.82 10.57 2.85
C ILE A 204 5.82 9.98 1.44
N THR A 205 4.75 9.27 1.08
CA THR A 205 4.65 8.71 -0.27
C THR A 205 4.66 9.80 -1.32
N ALA A 206 3.96 10.91 -1.06
CA ALA A 206 3.96 12.02 -2.01
C ALA A 206 5.35 12.58 -2.19
N ILE A 207 6.11 12.72 -1.10
CA ILE A 207 7.52 13.10 -1.22
C ILE A 207 8.29 12.02 -1.97
N GLU A 208 8.00 10.75 -1.69
CA GLU A 208 8.65 9.67 -2.41
C GLU A 208 8.36 9.74 -3.91
N LEU A 209 7.09 9.98 -4.27
CA LEU A 209 6.72 10.09 -5.68
C LEU A 209 7.27 11.36 -6.32
N ALA A 210 7.63 12.35 -5.52
CA ALA A 210 8.18 13.60 -6.03
C ALA A 210 9.69 13.56 -6.19
N GLU A 211 10.38 12.82 -5.31
CA GLU A 211 11.83 12.83 -5.24
C GLU A 211 12.42 11.43 -5.35
N LEU A 212 11.62 10.46 -5.80
CA LEU A 212 12.09 9.12 -6.11
C LEU A 212 12.49 8.34 -4.87
N GLN A 213 12.53 9.00 -3.73
CA GLN A 213 12.99 8.42 -2.49
C GLN A 213 12.28 9.07 -1.34
N PRO A 214 11.96 8.31 -0.29
CA PRO A 214 11.35 8.91 0.89
C PRO A 214 12.38 9.73 1.66
N PRO A 215 11.93 10.64 2.52
CA PRO A 215 12.89 11.42 3.32
C PRO A 215 13.75 10.51 4.18
N LEU A 216 15.06 10.80 4.19
CA LEU A 216 16.06 10.09 4.99
C LEU A 216 16.33 8.67 4.48
N PHE A 217 16.12 8.44 3.18
CA PHE A 217 16.34 7.12 2.61
C PHE A 217 17.80 6.68 2.73
N ASP A 218 18.74 7.61 2.66
CA ASP A 218 20.15 7.27 2.78
C ASP A 218 20.60 7.17 4.24
N VAL A 219 19.66 7.11 5.17
CA VAL A 219 19.96 7.01 6.60
C VAL A 219 19.49 5.66 7.09
N HIS A 220 20.27 5.07 7.98
CA HIS A 220 19.93 3.75 8.51
C HIS A 220 18.54 3.77 9.14
N PRO A 221 17.74 2.73 8.95
CA PRO A 221 16.32 2.78 9.38
C PRO A 221 16.13 3.04 10.87
N LEU A 222 16.89 2.36 11.73
CA LEU A 222 16.75 2.57 13.16
C LEU A 222 17.13 4.00 13.55
N ARG A 223 18.04 4.61 12.80
CA ARG A 223 18.43 5.98 13.10
C ARG A 223 17.28 6.95 12.89
N VAL A 224 16.55 6.81 11.79
CA VAL A 224 15.45 7.74 11.52
C VAL A 224 14.34 7.56 12.56
N LEU A 225 14.15 6.35 13.06
CA LEU A 225 13.16 6.14 14.10
C LEU A 225 13.59 6.80 15.42
N PHE A 226 14.89 6.76 15.74
CA PHE A 226 15.38 7.50 16.89
C PHE A 226 15.13 9.00 16.71
N LEU A 227 15.33 9.50 15.49
CA LEU A 227 15.14 10.93 15.25
C LEU A 227 13.69 11.35 15.43
N MET A 228 12.74 10.46 15.16
CA MET A 228 11.33 10.83 15.20
C MET A 228 10.76 10.86 16.61
N THR A 229 11.48 10.34 17.61
CA THR A 229 11.00 10.40 18.97
C THR A 229 11.46 11.65 19.71
N LYS A 230 12.40 12.39 19.16
CA LYS A 230 12.91 13.58 19.82
C LYS A 230 11.84 14.65 19.89
N SER A 231 11.79 15.37 21.02
CA SER A 231 10.74 16.36 21.22
C SER A 231 10.81 17.50 20.22
N GLY A 232 11.98 17.74 19.63
CA GLY A 232 12.13 18.80 18.66
C GLY A 232 12.19 18.30 17.23
N TYR A 233 11.76 17.07 17.01
CA TYR A 233 11.79 16.48 15.68
C TYR A 233 10.92 17.28 14.72
N GLN A 234 11.47 17.58 13.54
CA GLN A 234 10.75 18.34 12.54
C GLN A 234 10.25 17.42 11.44
N PRO A 235 8.97 17.41 11.14
CA PRO A 235 8.48 16.56 10.05
C PRO A 235 9.15 16.93 8.75
N PRO A 236 9.33 15.97 7.84
CA PRO A 236 10.05 16.25 6.59
C PRO A 236 9.28 17.21 5.70
N ARG A 237 9.99 17.69 4.68
CA ARG A 237 9.45 18.62 3.71
C ARG A 237 9.91 18.22 2.32
N LEU A 238 9.41 18.95 1.33
CA LEU A 238 9.93 18.80 -0.03
C LEU A 238 11.23 19.57 -0.14
N LYS A 239 12.20 18.98 -0.86
CA LYS A 239 13.52 19.59 -0.95
C LYS A 239 13.48 20.86 -1.78
N GLU A 240 12.86 20.81 -2.95
CA GLU A 240 12.81 21.94 -3.86
C GLU A 240 11.51 22.71 -3.62
N LYS A 241 11.63 23.91 -3.04
CA LYS A 241 10.45 24.72 -2.76
C LYS A 241 9.77 25.15 -4.06
N GLY A 242 10.52 25.74 -4.98
CA GLY A 242 9.92 26.31 -6.17
C GLY A 242 9.36 25.29 -7.14
N LYS A 243 9.71 24.01 -6.96
CA LYS A 243 9.25 23.00 -7.91
C LYS A 243 7.79 22.64 -7.72
N TRP A 244 7.25 22.81 -6.51
CA TRP A 244 5.89 22.41 -6.20
C TRP A 244 5.06 23.62 -5.84
N SER A 245 3.74 23.43 -5.90
CA SER A 245 2.79 24.49 -5.61
C SER A 245 2.60 24.64 -4.10
N ALA A 246 1.92 25.73 -3.72
CA ALA A 246 1.59 25.94 -2.32
C ALA A 246 0.65 24.85 -1.82
N ALA A 247 -0.29 24.42 -2.67
CA ALA A 247 -1.22 23.37 -2.29
C ALA A 247 -0.49 22.08 -1.96
N PHE A 248 0.52 21.74 -2.76
CA PHE A 248 1.31 20.53 -2.49
C PHE A 248 2.15 20.70 -1.23
N HIS A 249 2.73 21.88 -1.02
CA HIS A 249 3.54 22.11 0.17
C HIS A 249 2.67 22.05 1.43
N ASN A 250 1.45 22.57 1.35
CA ASN A 250 0.55 22.48 2.49
C ASN A 250 0.06 21.06 2.69
N PHE A 251 -0.22 20.35 1.58
CA PHE A 251 -0.62 18.95 1.65
C PHE A 251 0.43 18.12 2.36
N ILE A 252 1.71 18.38 2.08
CA ILE A 252 2.78 17.68 2.80
C ILE A 252 2.78 18.09 4.26
N LYS A 253 2.59 19.39 4.55
CA LYS A 253 2.61 19.85 5.93
C LYS A 253 1.48 19.23 6.74
N VAL A 254 0.26 19.23 6.20
CA VAL A 254 -0.89 18.76 6.99
C VAL A 254 -0.90 17.24 7.09
N THR A 255 -0.49 16.53 6.04
CA THR A 255 -0.40 15.09 6.14
C THR A 255 0.72 14.69 7.09
N LEU A 256 1.82 15.43 7.09
CA LEU A 256 2.92 15.18 8.02
C LEU A 256 2.79 16.04 9.29
N THR A 257 1.60 16.00 9.89
CA THR A 257 1.39 16.63 11.19
C THR A 257 1.94 15.74 12.27
N LYS A 258 2.83 16.29 13.11
CA LYS A 258 3.52 15.49 14.11
C LYS A 258 2.54 14.84 15.09
N SER A 259 1.71 15.64 15.73
CA SER A 259 0.72 15.13 16.66
C SER A 259 -0.44 14.50 15.91
N PRO A 260 -0.79 13.23 16.17
CA PRO A 260 -1.95 12.63 15.49
C PRO A 260 -3.27 13.28 15.86
N LYS A 261 -3.33 14.01 16.98
CA LYS A 261 -4.57 14.69 17.35
C LYS A 261 -4.89 15.83 16.39
N LYS A 262 -3.87 16.49 15.87
CA LYS A 262 -4.04 17.58 14.93
C LYS A 262 -3.87 17.14 13.47
N ARG A 263 -3.88 15.83 13.20
CA ARG A 263 -3.66 15.42 11.82
C ARG A 263 -4.98 15.17 11.12
N PRO A 264 -5.18 15.75 9.93
CA PRO A 264 -6.47 15.60 9.25
C PRO A 264 -6.77 14.16 8.87
N SER A 265 -8.05 13.82 8.90
CA SER A 265 -8.49 12.49 8.50
C SER A 265 -8.44 12.34 6.99
N ALA A 266 -8.68 11.11 6.53
CA ALA A 266 -8.65 10.85 5.09
C ALA A 266 -9.75 11.62 4.37
N THR A 267 -10.96 11.65 4.93
CA THR A 267 -12.05 12.41 4.31
C THR A 267 -11.73 13.89 4.30
N LYS A 268 -11.27 14.43 5.44
CA LYS A 268 -10.91 15.85 5.48
C LYS A 268 -9.85 16.18 4.43
N MET A 269 -8.93 15.24 4.19
CA MET A 269 -7.91 15.48 3.18
C MET A 269 -8.48 15.44 1.77
N LEU A 270 -9.55 14.67 1.54
CA LEU A 270 -10.21 14.71 0.25
C LEU A 270 -10.85 16.06 -0.03
N SER A 271 -11.02 16.92 1.00
CA SER A 271 -11.47 18.28 0.80
C SER A 271 -10.33 19.23 0.46
N HIS A 272 -9.09 18.79 0.62
CA HIS A 272 -7.93 19.67 0.43
C HIS A 272 -7.86 20.16 -1.01
N GLN A 273 -7.20 21.32 -1.18
CA GLN A 273 -7.06 21.91 -2.50
C GLN A 273 -6.37 20.95 -3.47
N LEU A 274 -5.34 20.24 -3.00
CA LEU A 274 -4.50 19.46 -3.89
C LEU A 274 -5.28 18.37 -4.61
N VAL A 275 -6.20 17.70 -3.90
CA VAL A 275 -6.87 16.52 -4.43
C VAL A 275 -8.32 16.79 -4.83
N SER A 276 -8.90 17.92 -4.46
CA SER A 276 -10.24 18.26 -4.88
C SER A 276 -10.27 19.17 -6.09
N GLN A 277 -9.10 19.63 -6.56
CA GLN A 277 -9.04 20.43 -7.77
C GLN A 277 -9.53 19.61 -8.96
N PRO A 278 -10.16 20.26 -9.94
CA PRO A 278 -10.59 19.54 -11.13
C PRO A 278 -9.42 19.15 -12.01
N GLY A 279 -9.68 18.22 -12.93
CA GLY A 279 -8.70 17.81 -13.90
C GLY A 279 -7.90 16.58 -13.54
N LEU A 280 -8.24 15.90 -12.45
CA LEU A 280 -7.52 14.71 -12.01
C LEU A 280 -8.24 13.47 -12.54
N ASN A 281 -7.55 12.71 -13.39
CA ASN A 281 -8.10 11.50 -13.96
C ASN A 281 -6.95 10.57 -14.36
N ARG A 282 -7.31 9.38 -14.82
CA ARG A 282 -6.32 8.36 -15.12
C ARG A 282 -5.46 8.71 -16.32
N GLY A 283 -5.83 9.73 -17.09
CA GLY A 283 -4.98 10.16 -18.19
C GLY A 283 -3.60 10.57 -17.73
N LEU A 284 -3.51 11.20 -16.55
CA LEU A 284 -2.21 11.56 -16.00
C LEU A 284 -1.31 10.35 -15.84
N ILE A 285 -1.89 9.20 -15.49
CA ILE A 285 -1.11 7.98 -15.36
C ILE A 285 -0.90 7.33 -16.71
N LEU A 286 -1.85 7.48 -17.64
CA LEU A 286 -1.63 7.01 -19.01
C LEU A 286 -0.43 7.72 -19.64
N ASP A 287 -0.24 9.00 -19.32
CA ASP A 287 1.01 9.67 -19.69
C ASP A 287 2.20 8.98 -19.04
N LEU A 288 2.07 8.62 -17.76
CA LEU A 288 3.18 8.01 -17.04
C LEU A 288 3.48 6.62 -17.58
N LEU A 289 2.44 5.89 -18.00
CA LEU A 289 2.67 4.57 -18.59
C LEU A 289 3.17 4.66 -20.02
N ASP A 290 2.93 5.79 -20.70
CA ASP A 290 3.52 6.01 -22.00
C ASP A 290 5.00 6.34 -21.87
N LYS A 291 5.34 7.27 -20.96
CA LYS A 291 6.74 7.53 -20.62
C LYS A 291 7.45 6.27 -20.15
N LEU A 292 6.73 5.19 -19.87
CA LEU A 292 7.34 3.96 -19.40
C LEU A 292 7.79 3.09 -20.56
N LYS A 293 6.89 2.85 -21.53
CA LYS A 293 7.18 1.95 -22.65
C LYS A 293 8.11 2.58 -23.66
N ASN A 294 7.80 3.80 -24.08
CA ASN A 294 8.59 4.48 -25.10
C ASN A 294 9.71 5.32 -24.48
N GLY A 295 9.37 6.53 -24.02
CA GLY A 295 10.34 7.44 -23.45
C GLY A 295 10.92 6.91 -22.15
#